data_6P29
#
_entry.id   6P29
#
_cell.length_a   54.070
_cell.length_b   54.070
_cell.length_c   176.930
_cell.angle_alpha   90.00
_cell.angle_beta   90.00
_cell.angle_gamma   90.00
#
_symmetry.space_group_name_H-M   'P 41 21 2'
#
loop_
_entity.id
_entity.type
_entity.pdbx_description
1 polymer 'N-demethylindolmycin synthase (PluN2)'
2 non-polymer (5S)-2-amino-5-[(1R)-1-(1H-indol-3-yl)ethyl]-1,3-oxazol-4(5H)-one
3 non-polymer 'TRIETHYLENE GLYCOL'
4 water water
#
_entity_poly.entity_id   1
_entity_poly.type   'polypeptide(L)'
_entity_poly.pdbx_seq_one_letter_code
;MEFNNTIPELVCRDIDSSLSFYTQKLGFKVLFEREEQGFFFLYKNDIQLMLQQLGETAWMSHSNDTPFGNGMNIAFKVES
LDDLDCSTPSEDIFLETETIEYRVLDGVASVNQVIFRDPDGYLIRFVEQVNQLEHHHHHH
;
_entity_poly.pdbx_strand_id   A,B
#
loop_
_chem_comp.id
_chem_comp.type
_chem_comp.name
_chem_comp.formula
NQ7 non-polymer (5S)-2-amino-5-[(1R)-1-(1H-indol-3-yl)ethyl]-1,3-oxazol-4(5H)-one 'C13 H13 N3 O2'
PGE non-polymer 'TRIETHYLENE GLYCOL' 'C6 H14 O4'
#
# COMPACT_ATOMS: atom_id res chain seq x y z
N MET A 1 -1.48 21.41 -0.94
CA MET A 1 -1.54 20.40 -1.99
C MET A 1 -2.53 19.32 -1.64
N GLU A 2 -2.97 18.57 -2.65
CA GLU A 2 -3.94 17.50 -2.44
C GLU A 2 -3.22 16.19 -2.18
N PHE A 3 -3.41 15.63 -1.00
CA PHE A 3 -2.92 14.29 -0.68
C PHE A 3 -3.97 13.27 -1.07
N ASN A 4 -3.54 12.24 -1.81
CA ASN A 4 -4.42 11.13 -2.12
C ASN A 4 -4.92 10.47 -0.85
N ASN A 5 -6.08 9.84 -0.94
CA ASN A 5 -6.63 9.21 0.26
C ASN A 5 -5.83 7.99 0.69
N THR A 6 -5.00 7.44 -0.19
CA THR A 6 -4.20 6.26 0.09
C THR A 6 -2.83 6.48 -0.52
N ILE A 7 -1.80 6.57 0.32
CA ILE A 7 -0.44 6.78 -0.15
C ILE A 7 0.45 5.78 0.56
N PRO A 8 1.08 4.85 -0.16
CA PRO A 8 2.07 3.97 0.48
C PRO A 8 3.33 4.74 0.79
N GLU A 9 3.95 4.40 1.90
CA GLU A 9 5.30 4.85 2.21
C GLU A 9 6.18 3.63 2.31
N LEU A 10 7.25 3.61 1.52
CA LEU A 10 8.16 2.47 1.46
C LEU A 10 9.49 2.90 2.03
N VAL A 11 9.92 2.22 3.08
CA VAL A 11 11.31 2.38 3.54
C VAL A 11 12.22 1.62 2.58
N CYS A 12 13.32 2.27 2.19
CA CYS A 12 14.18 1.73 1.14
C CYS A 12 15.56 1.45 1.73
N ARG A 13 16.08 0.25 1.47
CA ARG A 13 17.41 -0.07 1.98
C ARG A 13 18.48 0.79 1.33
N ASP A 14 18.33 1.10 0.04
CA ASP A 14 19.24 1.95 -0.72
C ASP A 14 18.36 2.97 -1.45
N ILE A 15 18.21 4.17 -0.88
CA ILE A 15 17.25 5.12 -1.42
C ILE A 15 17.61 5.52 -2.85
N ASP A 16 18.89 5.63 -3.17
CA ASP A 16 19.23 6.02 -4.53
C ASP A 16 18.86 4.93 -5.53
N SER A 17 19.07 3.66 -5.16
CA SER A 17 18.67 2.56 -6.03
C SER A 17 17.16 2.52 -6.20
N SER A 18 16.43 2.71 -5.11
CA SER A 18 14.98 2.70 -5.19
C SER A 18 14.47 3.89 -5.99
N LEU A 19 15.02 5.09 -5.75
CA LEU A 19 14.62 6.27 -6.51
C LEU A 19 14.84 6.05 -7.98
N SER A 20 15.98 5.46 -8.36
CA SER A 20 16.24 5.20 -9.76
CA SER A 20 16.23 5.21 -9.77
C SER A 20 15.20 4.26 -10.35
N PHE A 21 14.85 3.21 -9.60
CA PHE A 21 13.82 2.28 -10.05
C PHE A 21 12.50 3.00 -10.29
N TYR A 22 12.02 3.77 -9.31
CA TYR A 22 10.69 4.36 -9.42
C TYR A 22 10.66 5.46 -10.46
N THR A 23 11.72 6.26 -10.56
CA THR A 23 11.70 7.32 -11.53
C THR A 23 11.99 6.81 -12.93
N GLN A 24 12.97 5.92 -13.09
CA GLN A 24 13.38 5.55 -14.44
C GLN A 24 12.53 4.41 -15.00
N LYS A 25 12.33 3.34 -14.22
CA LYS A 25 11.56 2.23 -14.74
C LYS A 25 10.06 2.50 -14.69
N LEU A 26 9.59 3.17 -13.65
CA LEU A 26 8.16 3.33 -13.46
C LEU A 26 7.66 4.73 -13.76
N GLY A 27 8.55 5.67 -14.06
CA GLY A 27 8.12 7.00 -14.50
C GLY A 27 7.62 7.94 -13.44
N PHE A 28 7.88 7.67 -12.16
CA PHE A 28 7.54 8.63 -11.14
C PHE A 28 8.48 9.83 -11.21
N LYS A 29 7.98 10.96 -10.72
CA LYS A 29 8.78 12.16 -10.54
C LYS A 29 8.76 12.56 -9.09
N VAL A 30 9.78 13.32 -8.67
CA VAL A 30 9.85 13.82 -7.29
C VAL A 30 9.04 15.11 -7.21
N LEU A 31 8.02 15.11 -6.36
CA LEU A 31 7.27 16.35 -6.10
C LEU A 31 8.01 17.22 -5.11
N PHE A 32 8.45 16.61 -4.00
CA PHE A 32 9.25 17.32 -3.03
C PHE A 32 10.01 16.29 -2.22
N GLU A 33 11.00 16.78 -1.48
CA GLU A 33 11.81 15.89 -0.67
C GLU A 33 12.12 16.58 0.64
N ARG A 34 12.43 15.76 1.64
CA ARG A 34 13.05 16.23 2.87
C ARG A 34 14.42 15.56 2.92
N GLU A 35 15.43 16.29 2.42
CA GLU A 35 16.73 15.68 2.17
C GLU A 35 17.38 15.19 3.46
N GLU A 36 17.24 15.94 4.54
CA GLU A 36 17.90 15.56 5.79
C GLU A 36 17.38 14.22 6.31
N GLN A 37 16.15 13.86 5.97
CA GLN A 37 15.53 12.62 6.43
C GLN A 37 15.58 11.51 5.39
N GLY A 38 16.15 11.77 4.22
CA GLY A 38 16.13 10.78 3.15
C GLY A 38 14.74 10.47 2.65
N PHE A 39 13.85 11.45 2.67
CA PHE A 39 12.44 11.26 2.33
C PHE A 39 12.13 11.88 0.98
N PHE A 40 11.34 11.17 0.18
CA PHE A 40 10.96 11.63 -1.15
C PHE A 40 9.48 11.40 -1.36
N PHE A 41 8.76 12.42 -1.81
CA PHE A 41 7.35 12.29 -2.15
C PHE A 41 7.25 12.28 -3.67
N LEU A 42 6.84 11.15 -4.23
CA LEU A 42 6.81 10.94 -5.67
C LEU A 42 5.40 10.99 -6.19
N TYR A 43 5.28 11.33 -7.46
CA TYR A 43 3.99 11.33 -8.10
C TYR A 43 4.12 10.84 -9.53
N LYS A 44 3.01 10.31 -10.03
CA LYS A 44 2.92 9.93 -11.44
C LYS A 44 1.45 10.04 -11.80
N ASN A 45 1.10 10.98 -12.68
CA ASN A 45 -0.30 11.23 -12.96
C ASN A 45 -1.06 11.39 -11.66
N ASP A 46 -2.05 10.54 -11.40
CA ASP A 46 -2.87 10.65 -10.18
C ASP A 46 -2.33 9.83 -9.01
N ILE A 47 -1.19 9.16 -9.17
CA ILE A 47 -0.62 8.28 -8.15
C ILE A 47 0.38 9.05 -7.32
N GLN A 48 0.42 8.76 -6.02
CA GLN A 48 1.45 9.31 -5.15
C GLN A 48 2.08 8.18 -4.38
N LEU A 49 3.36 8.34 -4.07
CA LEU A 49 4.13 7.30 -3.42
C LEU A 49 5.26 7.95 -2.64
N MET A 50 5.49 7.47 -1.41
CA MET A 50 6.55 8.02 -0.59
C MET A 50 7.66 7.00 -0.41
N LEU A 51 8.90 7.46 -0.47
CA LEU A 51 10.08 6.64 -0.25
C LEU A 51 10.91 7.26 0.86
N GLN A 52 11.47 6.43 1.73
N GLN A 52 11.53 6.41 1.67
CA GLN A 52 12.32 6.95 2.79
CA GLN A 52 12.27 6.85 2.86
C GLN A 52 13.50 6.02 3.03
C GLN A 52 13.51 5.99 3.03
N GLN A 53 14.70 6.58 3.03
CA GLN A 53 15.89 5.79 3.30
C GLN A 53 15.78 5.14 4.68
N LEU A 54 16.07 3.84 4.74
CA LEU A 54 16.15 3.17 6.02
C LEU A 54 17.10 3.91 6.94
N GLY A 55 16.59 4.27 8.12
CA GLY A 55 17.34 5.12 9.04
C GLY A 55 16.49 5.40 10.27
N GLU A 56 16.96 6.37 11.05
CA GLU A 56 16.45 6.57 12.40
C GLU A 56 14.95 6.81 12.44
N THR A 57 14.40 7.52 11.46
CA THR A 57 13.01 7.93 11.51
C THR A 57 12.06 6.94 10.83
N ALA A 58 12.58 5.83 10.32
CA ALA A 58 11.74 4.88 9.60
C ALA A 58 10.81 4.14 10.56
N TRP A 59 9.56 3.96 10.13
CA TRP A 59 8.57 3.18 10.90
C TRP A 59 8.68 1.72 10.46
N MET A 60 9.25 0.88 11.31
CA MET A 60 9.60 -0.48 10.96
C MET A 60 8.77 -1.44 11.80
N SER A 61 7.93 -2.23 11.13
CA SER A 61 7.12 -3.22 11.82
C SER A 61 7.95 -4.35 12.39
N HIS A 62 9.03 -4.74 11.71
CA HIS A 62 9.86 -5.87 12.08
C HIS A 62 11.31 -5.40 12.10
N SER A 63 12.23 -6.32 12.42
CA SER A 63 13.62 -5.95 12.50
C SER A 63 14.13 -5.54 11.12
N ASN A 64 15.19 -4.73 11.09
CA ASN A 64 15.72 -4.25 9.82
C ASN A 64 16.17 -5.37 8.90
N ASP A 65 16.61 -6.51 9.45
CA ASP A 65 17.03 -7.62 8.59
C ASP A 65 15.87 -8.35 7.96
N THR A 66 14.64 -8.14 8.45
CA THR A 66 13.50 -8.84 7.89
C THR A 66 13.23 -8.30 6.48
N PRO A 67 13.18 -9.15 5.46
CA PRO A 67 12.90 -8.67 4.10
C PRO A 67 11.63 -7.84 4.05
N PHE A 68 11.67 -6.83 3.19
CA PHE A 68 10.62 -5.83 3.14
C PHE A 68 9.43 -6.28 2.29
N GLY A 69 8.25 -5.84 2.73
CA GLY A 69 7.07 -5.90 1.88
C GLY A 69 6.42 -7.26 1.73
N ASN A 70 6.76 -8.25 2.54
CA ASN A 70 6.17 -9.55 2.28
C ASN A 70 4.67 -9.52 2.52
N GLY A 71 3.96 -10.22 1.63
CA GLY A 71 2.53 -10.35 1.74
C GLY A 71 1.73 -9.27 1.07
N MET A 72 2.30 -8.10 0.83
CA MET A 72 1.52 -7.03 0.25
CA MET A 72 1.53 -7.01 0.27
C MET A 72 1.82 -6.86 -1.22
N ASN A 73 0.86 -6.30 -1.93
CA ASN A 73 1.13 -5.70 -3.22
C ASN A 73 0.27 -4.44 -3.28
N ILE A 74 0.82 -3.39 -3.87
CA ILE A 74 0.08 -2.15 -4.05
C ILE A 74 -0.50 -2.15 -5.46
N ALA A 75 -1.81 -2.04 -5.57
CA ALA A 75 -2.45 -1.98 -6.88
C ALA A 75 -2.64 -0.53 -7.28
N PHE A 76 -1.89 -0.11 -8.30
CA PHE A 76 -2.01 1.22 -8.88
C PHE A 76 -2.82 1.14 -10.16
N LYS A 77 -3.92 1.89 -10.23
CA LYS A 77 -4.73 1.94 -11.43
C LYS A 77 -4.12 2.91 -12.43
N VAL A 78 -3.97 2.47 -13.68
CA VAL A 78 -3.34 3.28 -14.70
C VAL A 78 -4.16 3.22 -15.99
N GLU A 79 -4.04 4.27 -16.80
CA GLU A 79 -4.76 4.29 -18.07
C GLU A 79 -4.15 3.33 -19.06
N SER A 80 -2.85 3.06 -18.93
CA SER A 80 -2.14 2.20 -19.86
C SER A 80 -0.90 1.64 -19.17
N LEU A 81 -0.46 0.49 -19.65
CA LEU A 81 0.84 -0.05 -19.23
C LEU A 81 1.97 0.35 -20.16
N ASP A 82 1.66 1.09 -21.23
CA ASP A 82 2.60 1.27 -22.34
C ASP A 82 3.93 1.87 -21.87
N ASP A 83 3.89 2.89 -21.03
CA ASP A 83 5.11 3.61 -20.69
C ASP A 83 6.01 2.81 -19.77
N LEU A 84 5.43 1.90 -19.00
CA LEU A 84 6.19 1.16 -18.02
C LEU A 84 7.21 0.28 -18.71
N ASP A 85 8.42 0.24 -18.15
CA ASP A 85 9.45 -0.65 -18.67
C ASP A 85 9.16 -2.06 -18.16
N CYS A 86 8.14 -2.69 -18.77
CA CYS A 86 7.78 -4.06 -18.45
C CYS A 86 8.62 -5.07 -19.21
N SER A 87 9.72 -4.62 -19.82
CA SER A 87 10.51 -5.49 -20.68
C SER A 87 11.01 -6.71 -19.92
N THR A 88 11.01 -7.85 -20.59
CA THR A 88 11.48 -9.11 -20.03
C THR A 88 12.68 -9.59 -20.86
N PRO A 89 13.53 -10.46 -20.28
CA PRO A 89 13.50 -10.99 -18.91
C PRO A 89 14.14 -10.04 -17.92
N SER A 90 13.56 -9.94 -16.73
CA SER A 90 14.03 -8.96 -15.75
C SER A 90 13.72 -9.42 -14.34
N GLU A 91 14.72 -9.30 -13.46
CA GLU A 91 14.46 -9.49 -12.03
C GLU A 91 13.48 -8.46 -11.48
N ASP A 92 13.21 -7.38 -12.22
CA ASP A 92 12.23 -6.40 -11.79
C ASP A 92 10.80 -6.87 -11.97
N ILE A 93 10.55 -7.95 -12.70
CA ILE A 93 9.20 -8.36 -13.05
C ILE A 93 8.83 -9.58 -12.20
N PHE A 94 7.84 -9.42 -11.34
CA PHE A 94 7.30 -10.50 -10.53
C PHE A 94 6.22 -11.28 -11.27
N LEU A 95 5.31 -10.57 -11.95
CA LEU A 95 4.26 -11.18 -12.74
C LEU A 95 4.25 -10.49 -14.09
N GLU A 96 4.55 -11.24 -15.16
CA GLU A 96 4.62 -10.65 -16.50
C GLU A 96 3.24 -10.14 -16.93
N THR A 97 3.25 -9.13 -17.81
CA THR A 97 2.01 -8.52 -18.28
C THR A 97 1.02 -9.57 -18.73
N GLU A 98 -0.21 -9.48 -18.21
CA GLU A 98 -1.25 -10.46 -18.51
C GLU A 98 -2.61 -9.79 -18.50
N THR A 99 -3.57 -10.42 -19.19
CA THR A 99 -4.96 -9.99 -19.17
C THR A 99 -5.78 -11.02 -18.41
N ILE A 100 -6.57 -10.54 -17.46
CA ILE A 100 -7.25 -11.39 -16.48
C ILE A 100 -8.63 -10.79 -16.22
N GLU A 101 -9.61 -11.66 -16.01
CA GLU A 101 -10.93 -11.23 -15.58
C GLU A 101 -11.10 -11.50 -14.10
N TYR A 102 -11.56 -10.50 -13.37
CA TYR A 102 -11.83 -10.60 -11.95
C TYR A 102 -13.31 -10.43 -11.70
N ARG A 103 -13.89 -11.34 -10.92
CA ARG A 103 -15.26 -11.18 -10.48
C ARG A 103 -15.32 -10.11 -9.40
N VAL A 104 -16.08 -9.05 -9.63
CA VAL A 104 -16.13 -7.96 -8.67
C VAL A 104 -17.58 -7.70 -8.26
N LEU A 105 -17.81 -6.62 -7.50
CA LEU A 105 -19.08 -6.41 -6.83
C LEU A 105 -20.27 -6.50 -7.77
N ASP A 106 -20.25 -5.72 -8.86
CA ASP A 106 -21.42 -5.61 -9.74
C ASP A 106 -21.15 -6.21 -11.12
N GLY A 107 -20.17 -7.10 -11.25
CA GLY A 107 -19.90 -7.74 -12.52
C GLY A 107 -18.50 -8.30 -12.63
N VAL A 108 -17.84 -8.06 -13.77
CA VAL A 108 -16.51 -8.57 -14.05
C VAL A 108 -15.63 -7.42 -14.51
N ALA A 109 -14.45 -7.31 -13.92
CA ALA A 109 -13.44 -6.35 -14.33
C ALA A 109 -12.39 -7.08 -15.16
N SER A 110 -12.27 -6.71 -16.42
CA SER A 110 -11.23 -7.23 -17.30
C SER A 110 -10.06 -6.25 -17.27
N VAL A 111 -8.87 -6.74 -16.90
CA VAL A 111 -7.73 -5.86 -16.70
C VAL A 111 -6.53 -6.40 -17.44
N ASN A 112 -5.63 -5.49 -17.80
CA ASN A 112 -4.25 -5.81 -18.13
C ASN A 112 -3.42 -5.40 -16.93
N GLN A 113 -2.56 -6.30 -16.46
CA GLN A 113 -1.81 -6.00 -15.26
C GLN A 113 -0.40 -6.56 -15.38
N VAL A 114 0.50 -5.95 -14.60
CA VAL A 114 1.87 -6.39 -14.48
C VAL A 114 2.26 -6.14 -13.03
N ILE A 115 3.09 -6.99 -12.47
CA ILE A 115 3.58 -6.77 -11.10
C ILE A 115 5.09 -6.65 -11.15
N PHE A 116 5.60 -5.51 -10.68
CA PHE A 116 7.02 -5.29 -10.49
C PHE A 116 7.43 -5.68 -9.09
N ARG A 117 8.67 -6.13 -8.96
CA ARG A 117 9.30 -6.36 -7.65
C ARG A 117 10.45 -5.37 -7.54
N ASP A 118 10.34 -4.43 -6.62
CA ASP A 118 11.30 -3.33 -6.52
C ASP A 118 12.57 -3.83 -5.84
N PRO A 119 13.59 -2.96 -5.71
CA PRO A 119 14.89 -3.44 -5.21
C PRO A 119 14.86 -4.07 -3.83
N ASP A 120 13.87 -3.75 -2.99
CA ASP A 120 13.78 -4.35 -1.67
C ASP A 120 12.74 -5.44 -1.59
N GLY A 121 12.06 -5.73 -2.71
CA GLY A 121 11.04 -6.76 -2.73
C GLY A 121 9.62 -6.27 -2.63
N TYR A 122 9.38 -4.97 -2.59
CA TYR A 122 8.00 -4.51 -2.61
C TYR A 122 7.36 -4.82 -3.96
N LEU A 123 6.14 -5.31 -3.92
CA LEU A 123 5.38 -5.65 -5.13
C LEU A 123 4.47 -4.49 -5.52
N ILE A 124 4.65 -4.02 -6.75
CA ILE A 124 3.90 -2.89 -7.28
C ILE A 124 3.12 -3.42 -8.48
N ARG A 125 1.80 -3.47 -8.34
CA ARG A 125 0.92 -4.03 -9.35
C ARG A 125 0.26 -2.88 -10.10
N PHE A 126 0.49 -2.81 -11.40
CA PHE A 126 -0.16 -1.81 -12.22
C PHE A 126 -1.34 -2.46 -12.92
N VAL A 127 -2.50 -1.82 -12.83
CA VAL A 127 -3.76 -2.39 -13.32
C VAL A 127 -4.38 -1.41 -14.30
N GLU A 128 -4.52 -1.85 -15.54
CA GLU A 128 -5.26 -1.11 -16.56
C GLU A 128 -6.62 -1.78 -16.74
N GLN A 129 -7.69 -1.07 -16.44
CA GLN A 129 -9.02 -1.63 -16.67
C GLN A 129 -9.31 -1.62 -18.16
N VAL A 130 -9.59 -2.80 -18.71
CA VAL A 130 -10.03 -2.88 -20.11
C VAL A 130 -11.52 -2.61 -20.21
N ASN A 131 -12.31 -3.22 -19.34
CA ASN A 131 -13.73 -2.92 -19.25
C ASN A 131 -14.27 -3.46 -17.92
N GLN A 132 -15.50 -3.05 -17.62
CA GLN A 132 -16.31 -3.66 -16.57
C GLN A 132 -17.68 -3.95 -17.13
N LEU A 133 -18.11 -5.21 -17.06
CA LEU A 133 -19.41 -5.62 -17.57
C LEU A 133 -20.30 -6.01 -16.41
N GLU A 134 -21.50 -5.42 -16.36
CA GLU A 134 -22.42 -5.59 -15.24
C GLU A 134 -23.33 -6.80 -15.43
N MET B 1 -18.44 -0.99 -10.55
CA MET B 1 -17.97 -0.25 -9.39
C MET B 1 -16.72 0.55 -9.72
N GLU B 2 -16.38 1.50 -8.87
CA GLU B 2 -15.22 2.36 -9.07
C GLU B 2 -14.07 1.86 -8.20
N PHE B 3 -12.92 1.66 -8.82
CA PHE B 3 -11.72 1.27 -8.10
C PHE B 3 -10.85 2.49 -7.86
N ASN B 4 -10.43 2.65 -6.61
CA ASN B 4 -9.51 3.73 -6.26
C ASN B 4 -8.20 3.57 -7.02
N ASN B 5 -7.48 4.68 -7.18
CA ASN B 5 -6.25 4.59 -7.95
C ASN B 5 -5.15 3.86 -7.21
N THR B 6 -5.27 3.70 -5.90
CA THR B 6 -4.25 3.02 -5.08
C THR B 6 -4.99 2.17 -4.08
N ILE B 7 -4.83 0.85 -4.19
CA ILE B 7 -5.50 -0.08 -3.28
C ILE B 7 -4.46 -1.08 -2.80
N PRO B 8 -4.15 -1.11 -1.51
CA PRO B 8 -3.25 -2.16 -1.00
C PRO B 8 -3.97 -3.48 -0.96
N GLU B 9 -3.25 -4.55 -1.27
CA GLU B 9 -3.74 -5.90 -1.07
C GLU B 9 -2.82 -6.56 -0.05
N LEU B 10 -3.41 -6.99 1.07
CA LEU B 10 -2.67 -7.59 2.17
C LEU B 10 -2.97 -9.08 2.23
N VAL B 11 -1.94 -9.91 2.05
CA VAL B 11 -2.12 -11.32 2.35
C VAL B 11 -2.13 -11.51 3.85
N CYS B 12 -3.08 -12.30 4.34
CA CYS B 12 -3.32 -12.48 5.77
C CYS B 12 -3.06 -13.92 6.16
N ARG B 13 -2.27 -14.11 7.21
CA ARG B 13 -2.02 -15.49 7.66
C ARG B 13 -3.28 -16.13 8.19
N ASP B 14 -4.15 -15.34 8.83
CA ASP B 14 -5.38 -15.80 9.46
C ASP B 14 -6.45 -14.78 9.07
N ILE B 15 -7.12 -15.01 7.93
CA ILE B 15 -8.02 -13.99 7.40
C ILE B 15 -9.16 -13.70 8.36
N ASP B 16 -9.59 -14.69 9.16
CA ASP B 16 -10.66 -14.42 10.13
C ASP B 16 -10.22 -13.36 11.14
N SER B 17 -9.01 -13.49 11.65
CA SER B 17 -8.48 -12.51 12.58
C SER B 17 -8.32 -11.15 11.92
N SER B 18 -7.79 -11.14 10.69
CA SER B 18 -7.59 -9.86 10.01
C SER B 18 -8.91 -9.19 9.70
N LEU B 19 -9.89 -9.95 9.22
CA LEU B 19 -11.20 -9.38 8.94
CA LEU B 19 -11.19 -9.38 8.94
C LEU B 19 -11.80 -8.77 10.20
N SER B 20 -11.67 -9.45 11.34
CA SER B 20 -12.24 -8.90 12.57
C SER B 20 -11.53 -7.62 12.97
N PHE B 21 -10.21 -7.56 12.78
CA PHE B 21 -9.46 -6.34 13.06
C PHE B 21 -9.94 -5.19 12.19
N TYR B 22 -9.99 -5.39 10.87
CA TYR B 22 -10.32 -4.28 9.98
C TYR B 22 -11.77 -3.84 10.14
N THR B 23 -12.69 -4.77 10.38
CA THR B 23 -14.09 -4.37 10.50
C THR B 23 -14.40 -3.82 11.88
N GLN B 24 -14.01 -4.55 12.94
CA GLN B 24 -14.44 -4.17 14.28
C GLN B 24 -13.58 -3.07 14.87
N LYS B 25 -12.27 -3.12 14.67
CA LYS B 25 -11.41 -2.12 15.27
C LYS B 25 -11.27 -0.88 14.39
N LEU B 26 -11.20 -1.04 13.08
CA LEU B 26 -10.96 0.09 12.19
C LEU B 26 -12.18 0.53 11.41
N GLY B 27 -13.29 -0.19 11.49
CA GLY B 27 -14.53 0.27 10.90
C GLY B 27 -14.71 0.01 9.42
N PHE B 28 -13.88 -0.85 8.83
CA PHE B 28 -14.10 -1.21 7.44
C PHE B 28 -15.33 -2.10 7.33
N LYS B 29 -15.91 -2.11 6.14
CA LYS B 29 -16.99 -3.00 5.78
C LYS B 29 -16.57 -3.82 4.57
N VAL B 30 -17.18 -4.99 4.42
CA VAL B 30 -16.93 -5.82 3.25
C VAL B 30 -17.78 -5.30 2.09
N LEU B 31 -17.12 -4.82 1.03
CA LEU B 31 -17.82 -4.42 -0.17
C LEU B 31 -18.24 -5.64 -0.98
N PHE B 32 -17.29 -6.52 -1.30
CA PHE B 32 -17.60 -7.82 -1.86
C PHE B 32 -16.50 -8.78 -1.45
N GLU B 33 -16.74 -10.06 -1.72
CA GLU B 33 -15.76 -11.08 -1.42
C GLU B 33 -15.78 -12.11 -2.53
N ARG B 34 -14.64 -12.77 -2.68
CA ARG B 34 -14.54 -14.02 -3.42
C ARG B 34 -14.16 -15.03 -2.35
N GLU B 35 -15.19 -15.49 -1.62
CA GLU B 35 -14.93 -16.23 -0.38
C GLU B 35 -14.23 -17.54 -0.66
N GLU B 36 -14.44 -18.09 -1.85
CA GLU B 36 -13.81 -19.36 -2.18
C GLU B 36 -12.33 -19.21 -2.44
N GLN B 37 -11.84 -17.99 -2.66
CA GLN B 37 -10.42 -17.69 -2.72
C GLN B 37 -9.89 -17.04 -1.46
N GLY B 38 -10.73 -16.91 -0.43
CA GLY B 38 -10.31 -16.24 0.78
C GLY B 38 -10.04 -14.77 0.58
N PHE B 39 -10.74 -14.14 -0.35
CA PHE B 39 -10.48 -12.79 -0.77
C PHE B 39 -11.62 -11.88 -0.33
N PHE B 40 -11.26 -10.72 0.23
CA PHE B 40 -12.24 -9.74 0.68
C PHE B 40 -11.83 -8.36 0.19
N PHE B 41 -12.77 -7.64 -0.39
CA PHE B 41 -12.57 -6.26 -0.79
C PHE B 41 -13.30 -5.39 0.23
N LEU B 42 -12.55 -4.62 1.00
CA LEU B 42 -13.10 -3.80 2.07
C LEU B 42 -13.14 -2.34 1.67
N TYR B 43 -14.04 -1.61 2.31
CA TYR B 43 -14.09 -0.17 2.11
C TYR B 43 -14.44 0.52 3.42
N LYS B 44 -14.04 1.78 3.52
CA LYS B 44 -14.44 2.64 4.62
C LYS B 44 -14.50 4.04 4.04
N ASN B 45 -15.69 4.64 3.99
CA ASN B 45 -15.83 5.92 3.31
C ASN B 45 -15.21 5.83 1.92
N ASP B 46 -14.20 6.65 1.64
CA ASP B 46 -13.60 6.70 0.32
C ASP B 46 -12.37 5.82 0.18
N ILE B 47 -12.02 5.04 1.20
CA ILE B 47 -10.83 4.18 1.26
CA ILE B 47 -10.82 4.22 1.07
C ILE B 47 -11.21 2.77 0.85
N GLN B 48 -10.30 2.06 0.19
CA GLN B 48 -10.48 0.65 -0.17
C GLN B 48 -9.24 -0.13 0.21
N LEU B 49 -9.45 -1.39 0.56
CA LEU B 49 -8.37 -2.25 1.02
C LEU B 49 -8.75 -3.68 0.74
N MET B 50 -7.82 -4.47 0.19
CA MET B 50 -8.07 -5.88 -0.11
C MET B 50 -7.34 -6.77 0.88
N LEU B 51 -8.00 -7.84 1.32
CA LEU B 51 -7.41 -8.86 2.17
C LEU B 51 -7.50 -10.20 1.45
N GLN B 52 -6.45 -11.00 1.55
CA GLN B 52 -6.39 -12.30 0.87
CA GLN B 52 -6.44 -12.31 0.90
C GLN B 52 -5.78 -13.32 1.82
N GLN B 53 -6.49 -14.41 2.10
CA GLN B 53 -5.90 -15.46 2.91
C GLN B 53 -4.65 -16.01 2.25
N LEU B 54 -3.59 -16.18 3.04
CA LEU B 54 -2.38 -16.85 2.58
C LEU B 54 -2.72 -18.23 2.02
N GLY B 55 -2.29 -18.46 0.79
CA GLY B 55 -2.60 -19.67 0.06
C GLY B 55 -1.90 -19.63 -1.29
N GLU B 56 -2.20 -20.63 -2.12
CA GLU B 56 -1.44 -20.82 -3.35
C GLU B 56 -1.63 -19.66 -4.34
N THR B 57 -2.79 -18.99 -4.31
CA THR B 57 -3.02 -17.88 -5.22
C THR B 57 -2.45 -16.56 -4.74
N ALA B 58 -1.85 -16.52 -3.54
CA ALA B 58 -1.31 -15.28 -3.00
C ALA B 58 -0.01 -14.89 -3.70
N TRP B 59 0.16 -13.59 -3.92
CA TRP B 59 1.40 -13.04 -4.50
C TRP B 59 2.36 -12.73 -3.37
N MET B 60 3.37 -13.58 -3.19
CA MET B 60 4.30 -13.52 -2.07
C MET B 60 5.68 -13.14 -2.56
N SER B 61 6.16 -11.97 -2.14
CA SER B 61 7.48 -11.53 -2.56
C SER B 61 8.59 -12.36 -1.95
N HIS B 62 8.40 -12.83 -0.72
CA HIS B 62 9.37 -13.58 0.05
C HIS B 62 8.71 -14.87 0.53
N SER B 63 9.48 -15.68 1.26
CA SER B 63 8.95 -16.96 1.71
C SER B 63 7.78 -16.76 2.67
N ASN B 64 6.96 -17.81 2.79
CA ASN B 64 5.77 -17.71 3.63
C ASN B 64 6.11 -17.47 5.10
N ASP B 65 7.28 -17.96 5.56
CA ASP B 65 7.68 -17.75 6.94
C ASP B 65 8.25 -16.35 7.19
N THR B 66 8.43 -15.56 6.15
CA THR B 66 8.97 -14.21 6.34
C THR B 66 7.87 -13.29 6.87
N PRO B 67 8.11 -12.60 7.99
CA PRO B 67 7.08 -11.69 8.52
C PRO B 67 6.60 -10.69 7.49
N PHE B 68 5.31 -10.34 7.57
CA PHE B 68 4.66 -9.55 6.55
C PHE B 68 4.82 -8.05 6.79
N GLY B 69 4.90 -7.33 5.69
CA GLY B 69 4.71 -5.90 5.76
C GLY B 69 5.90 -5.08 6.19
N ASN B 70 7.09 -5.66 6.28
CA ASN B 70 8.17 -4.85 6.83
C ASN B 70 8.55 -3.72 5.88
N GLY B 71 8.85 -2.57 6.47
CA GLY B 71 9.32 -1.43 5.73
C GLY B 71 8.25 -0.48 5.27
N MET B 72 7.02 -0.94 5.12
CA MET B 72 6.03 -0.03 4.58
CA MET B 72 5.97 -0.13 4.54
CA MET B 72 5.97 -0.12 4.54
C MET B 72 5.00 0.37 5.62
N ASN B 73 4.31 1.46 5.31
CA ASN B 73 3.10 1.80 6.03
C ASN B 73 2.16 2.39 4.99
N ILE B 74 0.86 2.15 5.15
CA ILE B 74 -0.14 2.72 4.26
C ILE B 74 -0.74 3.93 4.96
N ALA B 75 -0.68 5.09 4.31
CA ALA B 75 -1.26 6.31 4.84
C ALA B 75 -2.65 6.46 4.27
N PHE B 76 -3.66 6.32 5.12
CA PHE B 76 -5.05 6.58 4.75
C PHE B 76 -5.45 7.96 5.27
N LYS B 77 -5.92 8.81 4.36
CA LYS B 77 -6.43 10.13 4.74
C LYS B 77 -7.87 10.01 5.22
N VAL B 78 -8.16 10.59 6.38
CA VAL B 78 -9.49 10.53 6.97
C VAL B 78 -9.90 11.92 7.41
N GLU B 79 -11.21 12.17 7.43
CA GLU B 79 -11.71 13.44 7.92
C GLU B 79 -11.54 13.57 9.42
N SER B 80 -11.52 12.45 10.14
CA SER B 80 -11.41 12.47 11.59
C SER B 80 -10.98 11.09 12.08
N LEU B 81 -10.29 11.10 13.22
CA LEU B 81 -9.89 9.86 13.90
C LEU B 81 -10.91 9.36 14.90
N ASP B 82 -12.10 9.97 14.94
CA ASP B 82 -13.03 9.69 16.03
C ASP B 82 -13.57 8.26 15.96
N ASP B 83 -13.80 7.74 14.76
CA ASP B 83 -14.40 6.42 14.61
C ASP B 83 -13.39 5.28 14.71
N LEU B 84 -12.14 5.59 15.05
CA LEU B 84 -11.11 4.58 15.22
C LEU B 84 -10.91 4.29 16.70
N ASP B 85 -10.66 3.02 17.02
CA ASP B 85 -10.45 2.58 18.40
C ASP B 85 -8.98 2.72 18.74
N CYS B 86 -8.59 3.94 19.12
CA CYS B 86 -7.20 4.27 19.42
C CYS B 86 -6.88 4.15 20.91
N SER B 87 -7.54 3.22 21.62
CA SER B 87 -7.31 3.06 23.05
C SER B 87 -5.85 2.68 23.31
N THR B 88 -5.25 3.35 24.29
CA THR B 88 -3.81 3.23 24.54
C THR B 88 -3.52 3.02 26.02
N SER B 90 -2.03 -0.55 23.88
CA SER B 90 -2.67 -1.58 23.08
C SER B 90 -1.69 -2.22 22.10
N GLU B 91 -1.72 -3.55 22.02
CA GLU B 91 -0.88 -4.27 21.07
C GLU B 91 -1.18 -3.89 19.62
N ASP B 92 -2.38 -3.37 19.37
CA ASP B 92 -2.75 -2.95 18.02
C ASP B 92 -2.17 -1.60 17.63
N ILE B 93 -1.62 -0.84 18.56
CA ILE B 93 -1.15 0.52 18.29
C ILE B 93 0.36 0.49 18.11
N PHE B 94 0.81 0.91 16.93
CA PHE B 94 2.22 1.08 16.66
C PHE B 94 2.71 2.46 17.06
N LEU B 95 1.92 3.50 16.74
CA LEU B 95 2.22 4.88 17.08
C LEU B 95 0.94 5.50 17.61
N GLU B 96 0.95 5.92 18.89
CA GLU B 96 -0.27 6.48 19.46
C GLU B 96 -0.60 7.81 18.81
N THR B 97 -1.87 8.18 18.90
CA THR B 97 -2.36 9.42 18.29
C THR B 97 -1.47 10.59 18.66
N GLU B 98 -1.05 11.36 17.66
CA GLU B 98 -0.17 12.49 17.86
C GLU B 98 -0.47 13.55 16.83
N THR B 99 -0.21 14.80 17.19
CA THR B 99 -0.29 15.91 16.24
C THR B 99 1.13 16.27 15.82
N ILE B 100 1.36 16.32 14.51
CA ILE B 100 2.68 16.49 13.93
C ILE B 100 2.58 17.50 12.80
N GLU B 101 3.59 18.37 12.69
CA GLU B 101 3.74 19.22 11.52
C GLU B 101 4.74 18.59 10.57
N TYR B 102 4.35 18.42 9.31
CA TYR B 102 5.21 17.90 8.26
C TYR B 102 5.49 19.00 7.27
N ARG B 103 6.77 19.22 6.96
CA ARG B 103 7.13 20.14 5.88
C ARG B 103 6.86 19.45 4.54
N VAL B 104 6.00 20.06 3.74
CA VAL B 104 5.63 19.50 2.44
C VAL B 104 5.88 20.55 1.37
N LEU B 105 5.52 20.21 0.13
CA LEU B 105 5.84 21.04 -1.02
C LEU B 105 5.48 22.49 -0.81
N ASP B 106 4.25 22.73 -0.35
CA ASP B 106 3.69 24.07 -0.41
C ASP B 106 3.42 24.66 0.97
N GLY B 107 4.11 24.17 1.98
CA GLY B 107 4.00 24.72 3.30
C GLY B 107 4.14 23.61 4.34
N VAL B 108 3.35 23.70 5.38
CA VAL B 108 3.38 22.73 6.47
C VAL B 108 2.02 22.05 6.52
N ALA B 109 2.03 20.73 6.51
CA ALA B 109 0.82 19.94 6.74
C ALA B 109 0.80 19.57 8.21
N SER B 110 -0.16 20.13 8.95
N SER B 110 -0.16 20.13 8.95
CA SER B 110 -0.37 19.74 10.33
CA SER B 110 -0.39 19.75 10.33
C SER B 110 -1.41 18.63 10.36
C SER B 110 -1.42 18.63 10.34
N VAL B 111 -1.07 17.52 10.99
CA VAL B 111 -1.92 16.32 10.97
C VAL B 111 -2.09 15.77 12.38
N ASN B 112 -3.25 15.14 12.59
CA ASN B 112 -3.44 14.20 13.68
C ASN B 112 -3.34 12.81 13.07
N GLN B 113 -2.46 11.98 13.62
CA GLN B 113 -2.25 10.68 13.01
C GLN B 113 -2.08 9.62 14.09
N VAL B 114 -2.38 8.39 13.69
CA VAL B 114 -2.21 7.21 14.52
C VAL B 114 -1.80 6.09 13.58
N ILE B 115 -0.94 5.19 14.06
CA ILE B 115 -0.53 4.03 13.28
C ILE B 115 -0.90 2.77 14.03
N PHE B 116 -1.67 1.91 13.38
CA PHE B 116 -1.99 0.58 13.86
C PHE B 116 -1.03 -0.45 13.28
N ARG B 117 -0.82 -1.52 14.01
CA ARG B 117 -0.11 -2.70 13.53
C ARG B 117 -1.12 -3.84 13.53
N ASP B 118 -1.43 -4.36 12.35
CA ASP B 118 -2.48 -5.35 12.20
C ASP B 118 -1.96 -6.72 12.62
N PRO B 119 -2.81 -7.76 12.60
CA PRO B 119 -2.39 -9.06 13.13
C PRO B 119 -1.16 -9.65 12.50
N ASP B 120 -0.85 -9.34 11.23
CA ASP B 120 0.33 -9.86 10.56
C ASP B 120 1.50 -8.90 10.59
N GLY B 121 1.32 -7.70 11.10
CA GLY B 121 2.38 -6.73 11.16
C GLY B 121 2.29 -5.60 10.16
N TYR B 122 1.23 -5.54 9.37
CA TYR B 122 1.09 -4.43 8.44
C TYR B 122 0.78 -3.15 9.22
N LEU B 123 1.47 -2.07 8.85
CA LEU B 123 1.28 -0.79 9.51
C LEU B 123 0.29 0.05 8.73
N ILE B 124 -0.78 0.46 9.40
CA ILE B 124 -1.87 1.22 8.81
C ILE B 124 -1.91 2.56 9.52
N ARG B 125 -1.60 3.62 8.78
CA ARG B 125 -1.51 4.97 9.33
C ARG B 125 -2.74 5.75 8.90
N PHE B 126 -3.49 6.26 9.85
CA PHE B 126 -4.60 7.13 9.55
C PHE B 126 -4.16 8.57 9.81
N VAL B 127 -4.43 9.44 8.84
CA VAL B 127 -3.96 10.82 8.87
C VAL B 127 -5.15 11.75 8.71
N GLU B 128 -5.36 12.61 9.69
CA GLU B 128 -6.36 13.67 9.64
C GLU B 128 -5.64 14.99 9.49
N GLN B 129 -5.90 15.68 8.38
CA GLN B 129 -5.28 16.97 8.16
C GLN B 129 -5.99 18.02 9.00
N VAL B 130 -5.21 18.85 9.70
CA VAL B 130 -5.80 19.93 10.48
C VAL B 130 -5.28 21.26 9.93
C10 NQ7 C . -1.06 14.90 4.86
C17 NQ7 C . 4.52 13.47 4.14
C01 NQ7 C . 2.32 14.01 5.94
C02 NQ7 C . 2.02 13.67 4.45
C03 NQ7 C . 0.68 13.01 4.25
C04 NQ7 C . 0.45 11.68 3.82
N05 NQ7 C . -0.93 11.47 3.76
C06 NQ7 C . -1.62 12.62 4.13
C07 NQ7 C . -3.02 12.91 4.23
C08 NQ7 C . -3.41 14.19 4.63
C09 NQ7 C . -2.43 15.18 4.95
C11 NQ7 C . -0.65 13.59 4.44
C12 NQ7 C . 3.17 12.80 3.94
O13 NQ7 C . 3.32 11.59 4.76
C14 NQ7 C . 4.61 11.52 5.26
N15 NQ7 C . 5.08 10.43 6.01
N16 NQ7 C . 5.36 12.60 4.93
O18 NQ7 C . 4.84 14.56 3.68
C1 PGE D . -3.02 13.30 -6.99
O1 PGE D . -3.99 12.71 -7.80
C2 PGE D . -3.68 14.19 -5.94
O2 PGE D . -3.47 15.53 -6.26
C3 PGE D . -2.19 15.98 -5.96
C4 PGE D . -1.51 16.45 -7.24
O4 PGE D . 0.61 14.54 -6.72
C6 PGE D . 1.08 15.72 -7.31
C5 PGE D . 0.66 16.90 -6.45
O3 PGE D . -0.55 17.40 -6.92
C10 NQ7 E . -9.76 -3.19 -11.35
C17 NQ7 E . -9.87 -7.28 -7.26
C01 NQ7 E . -8.84 -6.45 -9.90
C02 NQ7 E . -9.36 -5.42 -8.88
C03 NQ7 E . -8.71 -4.09 -9.09
C04 NQ7 E . -7.74 -3.48 -8.25
N05 NQ7 E . -7.39 -2.25 -8.80
C06 NQ7 E . -8.08 -2.03 -9.99
C07 NQ7 E . -8.08 -0.92 -10.91
C08 NQ7 E . -8.92 -0.99 -12.05
C09 NQ7 E . -9.75 -2.12 -12.26
C11 NQ7 E . -8.90 -3.14 -10.19
C12 NQ7 E . -9.12 -5.98 -7.46
O13 NQ7 E . -7.74 -6.40 -7.30
C14 NQ7 E . -7.68 -7.76 -6.98
N15 NQ7 E . -6.46 -8.42 -6.72
N16 NQ7 E . -8.92 -8.32 -6.96
O18 NQ7 E . -11.08 -7.42 -7.35
#